data_1XSE
#
_entry.id   1XSE
#
_cell.length_a   118.385
_cell.length_b   118.385
_cell.length_c   184.772
_cell.angle_alpha   90.00
_cell.angle_beta   90.00
_cell.angle_gamma   90.00
#
_symmetry.space_group_name_H-M   'I 4 2 2'
#
loop_
_entity.id
_entity.type
_entity.pdbx_description
1 polymer '11beta-hydroxysteroid dehydrogenase type 1'
2 non-polymer 'NADPH DIHYDRO-NICOTINAMIDE-ADENINE-DINUCLEOTIDE PHOSPHATE'
3 water water
#
_entity_poly.entity_id   1
_entity_poly.type   'polypeptide(L)'
_entity_poly.pdbx_seq_one_letter_code
;MGSSHHHHHHSSGLVPRGSHMNEKFRPEMLQGKKVIVTGASKGIGREIAYHLAKMGAHVVVTARSKEALQKVVARCLELG
AASAHYIAGSMEDMTFAEEFVAEAGNLMGGLDMLILNHVLYNRLTFFHGEIDNVRKSMEVNFHSFVVLSVAAMPMLMQSQ
GSIAVVSSVAGKITYPLIAPYSASKFALDGFFSTLRSEFLVNKVNVSITLCILGLIDTETAIKATSGIYLGPASPKEECA
LEIIKGTALRQDEMYYVGSRWVPYLLGNPGRKIMEFLSAAEYNWDNVLSNEKLYG
;
_entity_poly.pdbx_strand_id   A,B
#
# COMPACT_ATOMS: atom_id res chain seq x y z
N ASN A 22 7.11 4.18 32.93
CA ASN A 22 6.90 4.19 31.45
C ASN A 22 8.18 4.43 30.63
N GLU A 23 9.27 3.76 30.99
CA GLU A 23 10.45 3.76 30.10
C GLU A 23 10.85 2.33 29.76
N LYS A 24 10.88 1.48 30.79
CA LYS A 24 11.04 0.05 30.60
C LYS A 24 9.65 -0.60 30.70
N PHE A 25 9.43 -1.68 29.96
CA PHE A 25 8.15 -2.36 30.08
C PHE A 25 8.01 -3.14 31.38
N ARG A 26 6.79 -3.12 31.93
CA ARG A 26 6.42 -3.89 33.11
C ARG A 26 5.06 -4.51 32.82
N PRO A 27 4.92 -5.83 33.10
CA PRO A 27 3.62 -6.48 32.83
C PRO A 27 2.43 -5.76 33.45
N GLU A 28 2.66 -5.17 34.63
CA GLU A 28 1.69 -4.34 35.34
C GLU A 28 0.89 -3.34 34.44
N MET A 29 1.51 -2.90 33.32
CA MET A 29 0.96 -1.84 32.46
C MET A 29 -0.28 -2.29 31.69
N LEU A 30 -0.52 -3.60 31.67
CA LEU A 30 -1.65 -4.13 31.01
C LEU A 30 -2.76 -4.59 31.97
N GLN A 31 -2.48 -4.52 33.27
CA GLN A 31 -3.39 -5.00 34.31
C GLN A 31 -4.66 -4.17 34.27
N GLY A 32 -5.80 -4.82 34.05
CA GLY A 32 -7.08 -4.15 33.96
C GLY A 32 -7.29 -3.32 32.70
N LYS A 33 -6.38 -3.41 31.73
CA LYS A 33 -6.52 -2.66 30.48
C LYS A 33 -7.48 -3.37 29.55
N LYS A 34 -8.14 -2.61 28.68
CA LYS A 34 -9.21 -3.16 27.88
C LYS A 34 -8.74 -3.27 26.46
N VAL A 35 -8.59 -4.52 26.01
CA VAL A 35 -7.87 -4.87 24.77
C VAL A 35 -8.69 -5.74 23.81
N ILE A 36 -8.85 -5.27 22.57
CA ILE A 36 -9.30 -6.09 21.48
C ILE A 36 -8.10 -6.74 20.80
N VAL A 37 -8.19 -8.05 20.53
CA VAL A 37 -7.20 -8.73 19.67
C VAL A 37 -7.94 -9.40 18.52
N THR A 38 -7.61 -8.99 17.28
CA THR A 38 -8.21 -9.66 16.09
C THR A 38 -7.33 -10.81 15.64
N GLY A 39 -7.91 -11.71 14.83
CA GLY A 39 -7.23 -12.94 14.39
C GLY A 39 -6.63 -13.77 15.53
N ALA A 40 -7.43 -14.02 16.56
CA ALA A 40 -6.87 -14.45 17.85
C ALA A 40 -7.20 -15.90 18.21
N SER A 41 -7.68 -16.65 17.22
CA SER A 41 -8.06 -18.06 17.42
C SER A 41 -6.85 -19.00 17.28
N LYS A 42 -5.78 -18.52 16.63
CA LYS A 42 -4.55 -19.30 16.46
C LYS A 42 -3.38 -18.36 16.21
N GLY A 43 -2.24 -18.92 15.86
CA GLY A 43 -1.04 -18.14 15.53
C GLY A 43 -0.62 -17.11 16.56
N ILE A 44 -0.15 -15.96 16.09
CA ILE A 44 0.33 -14.91 16.97
C ILE A 44 -0.80 -14.30 17.80
N GLY A 45 -1.95 -14.08 17.20
CA GLY A 45 -3.12 -13.53 17.90
C GLY A 45 -3.50 -14.29 19.17
N ARG A 46 -3.62 -15.61 19.06
CA ARG A 46 -3.87 -16.43 20.23
C ARG A 46 -2.79 -16.22 21.30
N GLU A 47 -1.52 -16.13 20.87
CA GLU A 47 -0.45 -15.91 21.81
C GLU A 47 -0.56 -14.54 22.48
N ILE A 48 -0.92 -13.52 21.72
CA ILE A 48 -1.20 -12.21 22.28
C ILE A 48 -2.27 -12.27 23.41
N ALA A 49 -3.37 -12.99 23.15
CA ALA A 49 -4.47 -13.10 24.12
C ALA A 49 -3.96 -13.78 25.39
N TYR A 50 -3.22 -14.87 25.24
CA TYR A 50 -2.62 -15.53 26.42
C TYR A 50 -1.73 -14.62 27.24
N HIS A 51 -0.82 -13.93 26.57
CA HIS A 51 0.05 -12.97 27.27
C HIS A 51 -0.73 -11.88 27.95
N LEU A 52 -1.84 -11.42 27.36
CA LEU A 52 -2.63 -10.37 27.95
C LEU A 52 -3.41 -10.90 29.14
N ALA A 53 -3.81 -12.16 29.05
CA ALA A 53 -4.49 -12.81 30.12
C ALA A 53 -3.55 -13.00 31.32
N LYS A 54 -2.31 -13.41 31.05
CA LYS A 54 -1.33 -13.56 32.17
C LYS A 54 -1.05 -12.22 32.87
N MET A 55 -1.20 -11.12 32.13
CA MET A 55 -1.01 -9.79 32.66
C MET A 55 -2.28 -9.24 33.31
N GLY A 56 -3.37 -10.00 33.25
CA GLY A 56 -4.63 -9.61 33.88
C GLY A 56 -5.45 -8.55 33.15
N ALA A 57 -5.34 -8.51 31.83
CA ALA A 57 -6.09 -7.56 31.02
C ALA A 57 -7.51 -8.05 30.87
N HIS A 58 -8.40 -7.10 30.57
CA HIS A 58 -9.69 -7.38 29.96
C HIS A 58 -9.50 -7.62 28.47
N VAL A 59 -10.06 -8.72 27.96
CA VAL A 59 -9.80 -9.09 26.57
C VAL A 59 -11.07 -9.37 25.76
N VAL A 60 -11.23 -8.74 24.61
CA VAL A 60 -12.20 -9.24 23.63
C VAL A 60 -11.46 -9.74 22.40
N VAL A 61 -11.72 -10.99 22.09
CA VAL A 61 -11.05 -11.74 21.07
C VAL A 61 -11.99 -12.02 19.87
N THR A 62 -11.49 -11.97 18.63
CA THR A 62 -12.30 -12.22 17.44
C THR A 62 -11.54 -12.97 16.33
N ALA A 63 -12.31 -13.58 15.41
CA ALA A 63 -11.83 -14.38 14.27
C ALA A 63 -13.11 -15.03 13.73
N ARG A 64 -13.01 -15.80 12.66
CA ARG A 64 -14.22 -16.49 12.15
C ARG A 64 -14.60 -17.78 12.90
N SER A 65 -13.62 -18.48 13.47
CA SER A 65 -13.90 -19.78 14.11
C SER A 65 -14.45 -19.65 15.53
N LYS A 66 -15.75 -19.89 15.66
CA LYS A 66 -16.44 -19.81 16.93
C LYS A 66 -15.80 -20.76 17.94
N GLU A 67 -15.60 -22.03 17.57
CA GLU A 67 -15.15 -23.03 18.54
C GLU A 67 -13.67 -22.80 18.98
N ALA A 68 -12.82 -22.39 18.05
CA ALA A 68 -11.45 -22.05 18.39
C ALA A 68 -11.38 -20.82 19.32
N LEU A 69 -12.22 -19.82 19.08
CA LEU A 69 -12.32 -18.66 19.97
C LEU A 69 -12.77 -19.01 21.38
N GLN A 70 -13.80 -19.84 21.46
CA GLN A 70 -14.31 -20.35 22.73
C GLN A 70 -13.20 -20.95 23.60
N LYS A 71 -12.34 -21.74 22.96
CA LYS A 71 -11.24 -22.39 23.64
C LYS A 71 -10.24 -21.35 24.18
N VAL A 72 -9.91 -20.38 23.36
CA VAL A 72 -9.01 -19.33 23.74
C VAL A 72 -9.54 -18.50 24.93
N VAL A 73 -10.79 -18.09 24.87
CA VAL A 73 -11.44 -17.41 25.99
C VAL A 73 -11.38 -18.19 27.30
N ALA A 74 -11.74 -19.48 27.27
CA ALA A 74 -11.67 -20.27 28.49
C ALA A 74 -10.22 -20.39 29.00
N ARG A 75 -9.24 -20.55 28.10
CA ARG A 75 -7.84 -20.56 28.52
C ARG A 75 -7.39 -19.23 29.14
N CYS A 76 -7.80 -18.09 28.53
CA CYS A 76 -7.53 -16.78 29.08
C CYS A 76 -8.09 -16.60 30.50
N LEU A 77 -9.32 -17.05 30.76
CA LEU A 77 -9.87 -16.90 32.12
C LEU A 77 -9.00 -17.70 33.07
N GLU A 78 -8.61 -18.89 32.62
CA GLU A 78 -7.74 -19.79 33.39
C GLU A 78 -6.39 -19.16 33.73
N LEU A 79 -5.82 -18.46 32.76
CA LEU A 79 -4.55 -17.81 32.86
C LEU A 79 -4.58 -16.50 33.62
N GLY A 80 -5.75 -15.99 33.98
CA GLY A 80 -5.85 -14.84 34.86
C GLY A 80 -6.38 -13.55 34.24
N ALA A 81 -7.00 -13.62 33.04
CA ALA A 81 -7.65 -12.44 32.46
C ALA A 81 -8.66 -11.85 33.46
N ALA A 82 -8.73 -10.52 33.52
CA ALA A 82 -9.77 -9.85 34.31
C ALA A 82 -11.16 -10.22 33.81
N SER A 83 -11.29 -10.32 32.48
CA SER A 83 -12.47 -10.86 31.79
C SER A 83 -12.07 -11.23 30.36
N ALA A 84 -12.87 -12.06 29.72
CA ALA A 84 -12.56 -12.55 28.40
C ALA A 84 -13.82 -12.96 27.66
N HIS A 85 -13.98 -12.44 26.45
CA HIS A 85 -15.15 -12.68 25.58
C HIS A 85 -14.69 -12.76 24.15
N TYR A 86 -15.50 -13.41 23.32
CA TYR A 86 -15.19 -13.52 21.90
C TYR A 86 -16.43 -13.13 21.09
N ILE A 87 -16.22 -12.50 19.96
CA ILE A 87 -17.29 -12.30 19.01
C ILE A 87 -16.75 -12.82 17.69
N ALA A 88 -17.41 -13.81 17.09
CA ALA A 88 -16.99 -14.38 15.81
C ALA A 88 -17.61 -13.65 14.60
N GLY A 89 -16.81 -13.42 13.59
CA GLY A 89 -17.30 -12.86 12.35
C GLY A 89 -16.16 -12.63 11.39
N SER A 90 -16.50 -12.19 10.19
CA SER A 90 -15.54 -12.07 9.14
C SER A 90 -15.17 -10.62 8.95
N MET A 91 -13.87 -10.35 8.94
CA MET A 91 -13.35 -9.04 8.58
C MET A 91 -13.44 -8.68 7.08
N GLU A 92 -14.08 -9.52 6.25
CA GLU A 92 -14.38 -9.08 4.87
C GLU A 92 -15.63 -8.24 4.87
N ASP A 93 -16.37 -8.39 5.95
CA ASP A 93 -17.63 -7.72 6.12
C ASP A 93 -17.38 -6.50 6.97
N MET A 94 -17.31 -5.34 6.31
CA MET A 94 -17.04 -4.03 6.94
C MET A 94 -18.11 -3.63 7.98
N THR A 95 -19.31 -4.15 7.84
CA THR A 95 -20.38 -3.94 8.82
C THR A 95 -20.09 -4.69 10.11
N PHE A 96 -19.62 -5.94 9.99
CA PHE A 96 -19.28 -6.68 11.16
C PHE A 96 -18.15 -5.97 11.89
N ALA A 97 -17.16 -5.49 11.14
CA ALA A 97 -15.95 -4.88 11.73
C ALA A 97 -16.33 -3.66 12.56
N GLU A 98 -17.26 -2.89 12.04
CA GLU A 98 -17.70 -1.67 12.71
C GLU A 98 -18.55 -2.01 13.94
N GLU A 99 -19.35 -3.08 13.85
CA GLU A 99 -20.23 -3.46 14.96
C GLU A 99 -19.51 -4.31 15.98
N PHE A 100 -18.41 -4.96 15.57
CA PHE A 100 -17.63 -5.71 16.49
C PHE A 100 -16.97 -4.81 17.55
N VAL A 101 -16.38 -3.71 17.10
CA VAL A 101 -15.77 -2.74 18.01
C VAL A 101 -16.77 -2.15 19.03
N ALA A 102 -17.99 -1.82 18.58
CA ALA A 102 -18.97 -1.30 19.52
C ALA A 102 -19.35 -2.36 20.59
N GLU A 103 -19.51 -3.63 20.19
CA GLU A 103 -19.92 -4.64 21.15
C GLU A 103 -18.78 -4.91 22.10
N ALA A 104 -17.56 -4.95 21.57
CA ALA A 104 -16.38 -5.16 22.38
C ALA A 104 -16.27 -4.07 23.48
N GLY A 105 -16.56 -2.80 23.11
CA GLY A 105 -16.47 -1.70 24.03
C GLY A 105 -17.49 -1.83 25.15
N ASN A 106 -18.72 -2.21 24.78
CA ASN A 106 -19.75 -2.47 25.75
C ASN A 106 -19.46 -3.64 26.70
N LEU A 107 -18.91 -4.73 26.20
CA LEU A 107 -18.50 -5.82 27.10
C LEU A 107 -17.46 -5.35 28.14
N MET A 108 -16.59 -4.42 27.73
CA MET A 108 -15.50 -3.95 28.58
C MET A 108 -15.73 -2.57 29.22
N GLY A 109 -16.76 -1.84 28.79
CA GLY A 109 -17.00 -0.47 29.26
C GLY A 109 -15.93 0.50 28.75
N GLY A 110 -15.33 0.21 27.59
CA GLY A 110 -14.30 1.08 27.03
C GLY A 110 -13.23 0.31 26.29
N LEU A 111 -12.17 1.00 25.84
CA LEU A 111 -11.09 0.36 25.13
C LEU A 111 -9.81 1.15 25.27
N ASP A 112 -8.74 0.45 25.68
CA ASP A 112 -7.43 1.05 25.86
C ASP A 112 -6.48 0.65 24.74
N MET A 113 -6.70 -0.50 24.12
CA MET A 113 -5.75 -0.99 23.12
C MET A 113 -6.43 -1.79 22.06
N LEU A 114 -6.13 -1.45 20.82
CA LEU A 114 -6.72 -2.12 19.67
C LEU A 114 -5.58 -2.83 18.94
N ILE A 115 -5.59 -4.17 18.94
CA ILE A 115 -4.52 -4.96 18.34
C ILE A 115 -5.07 -5.57 17.04
N LEU A 116 -4.54 -5.07 15.91
CA LEU A 116 -5.06 -5.41 14.57
C LEU A 116 -4.17 -6.45 13.98
N ASN A 117 -4.62 -7.70 14.01
CA ASN A 117 -3.70 -8.82 13.75
C ASN A 117 -4.16 -9.81 12.68
N HIS A 118 -5.46 -9.94 12.46
CA HIS A 118 -5.91 -10.88 11.42
C HIS A 118 -5.27 -10.60 10.04
N VAL A 119 -5.19 -11.64 9.23
CA VAL A 119 -4.70 -11.49 7.88
C VAL A 119 -5.25 -12.63 7.08
N LEU A 120 -5.51 -12.36 5.80
CA LEU A 120 -5.72 -13.42 4.81
C LEU A 120 -4.37 -13.75 4.14
N TYR A 121 -4.01 -15.04 4.14
CA TYR A 121 -2.84 -15.51 3.38
C TYR A 121 -3.26 -16.18 2.09
N ASN A 122 -2.60 -15.79 0.98
CA ASN A 122 -2.72 -16.52 -0.29
C ASN A 122 -1.63 -17.59 -0.34
N ARG A 123 -1.81 -18.59 -1.21
CA ARG A 123 -0.71 -19.50 -1.51
C ARG A 123 0.50 -18.71 -2.02
N LEU A 124 1.71 -19.17 -1.66
CA LEU A 124 2.93 -18.62 -2.22
C LEU A 124 3.07 -19.15 -3.65
N THR A 125 2.79 -18.26 -4.59
CA THR A 125 2.77 -18.59 -6.01
C THR A 125 3.20 -17.37 -6.84
N PHE A 126 3.74 -17.56 -8.03
CA PHE A 126 3.96 -16.40 -8.90
C PHE A 126 2.60 -15.80 -9.28
N PHE A 127 2.50 -14.47 -9.27
CA PHE A 127 1.25 -13.84 -9.62
C PHE A 127 0.94 -14.14 -11.08
N HIS A 128 -0.27 -14.62 -11.36
CA HIS A 128 -0.69 -14.85 -12.75
C HIS A 128 -2.03 -14.22 -13.09
N GLY A 129 -2.33 -13.06 -12.50
CA GLY A 129 -3.58 -12.37 -12.83
C GLY A 129 -4.79 -12.71 -11.98
N GLU A 130 -4.57 -13.21 -10.77
CA GLU A 130 -5.67 -13.48 -9.83
C GLU A 130 -6.11 -12.18 -9.16
N ILE A 131 -6.89 -11.36 -9.89
CA ILE A 131 -7.29 -10.08 -9.30
C ILE A 131 -8.12 -10.25 -8.02
N ASP A 132 -8.90 -11.34 -7.92
CA ASP A 132 -9.65 -11.59 -6.68
C ASP A 132 -8.78 -11.75 -5.44
N ASN A 133 -7.62 -12.41 -5.56
CA ASN A 133 -6.66 -12.45 -4.46
C ASN A 133 -6.25 -11.03 -4.06
N VAL A 134 -5.99 -10.19 -5.07
CA VAL A 134 -5.59 -8.79 -4.81
C VAL A 134 -6.68 -8.04 -4.03
N ARG A 135 -7.92 -8.14 -4.49
CA ARG A 135 -9.09 -7.54 -3.86
C ARG A 135 -9.33 -8.06 -2.44
N LYS A 136 -9.35 -9.38 -2.27
CA LYS A 136 -9.65 -9.97 -0.99
C LYS A 136 -8.55 -9.65 0.01
N SER A 137 -7.28 -9.71 -0.40
CA SER A 137 -6.17 -9.29 0.47
C SER A 137 -6.31 -7.84 0.89
N MET A 138 -6.71 -6.96 -0.03
CA MET A 138 -6.85 -5.55 0.33
C MET A 138 -7.99 -5.41 1.32
N GLU A 139 -9.06 -6.19 1.12
CA GLU A 139 -10.22 -6.12 2.00
C GLU A 139 -9.87 -6.54 3.43
N VAL A 140 -9.35 -7.77 3.56
CA VAL A 140 -9.15 -8.35 4.89
C VAL A 140 -7.96 -7.72 5.58
N ASN A 141 -6.87 -7.44 4.85
CA ASN A 141 -5.60 -7.01 5.48
C ASN A 141 -5.46 -5.52 5.75
N PHE A 142 -6.15 -4.72 4.93
CA PHE A 142 -6.07 -3.28 4.94
C PHE A 142 -7.41 -2.60 5.28
N HIS A 143 -8.43 -2.72 4.44
CA HIS A 143 -9.65 -1.89 4.61
C HIS A 143 -10.27 -2.10 5.98
N SER A 144 -10.33 -3.36 6.43
CA SER A 144 -10.89 -3.72 7.73
C SER A 144 -10.10 -3.14 8.92
N PHE A 145 -8.76 -3.13 8.83
CA PHE A 145 -7.90 -2.40 9.78
C PHE A 145 -8.37 -0.94 9.92
N VAL A 146 -8.63 -0.30 8.77
CA VAL A 146 -9.04 1.08 8.79
C VAL A 146 -10.40 1.25 9.45
N VAL A 147 -11.36 0.38 9.08
CA VAL A 147 -12.72 0.44 9.62
C VAL A 147 -12.71 0.15 11.13
N LEU A 148 -11.91 -0.82 11.57
CA LEU A 148 -11.80 -1.11 13.00
C LEU A 148 -11.29 0.11 13.77
N SER A 149 -10.24 0.74 13.23
CA SER A 149 -9.62 1.90 13.84
C SER A 149 -10.57 3.06 13.88
N VAL A 150 -11.31 3.29 12.79
CA VAL A 150 -12.22 4.40 12.81
C VAL A 150 -13.30 4.13 13.88
N ALA A 151 -13.83 2.91 13.93
CA ALA A 151 -14.87 2.60 14.90
C ALA A 151 -14.37 2.74 16.34
N ALA A 152 -13.09 2.47 16.54
CA ALA A 152 -12.50 2.45 17.89
C ALA A 152 -12.04 3.83 18.36
N MET A 153 -11.85 4.76 17.43
CA MET A 153 -11.10 5.97 17.76
C MET A 153 -11.66 6.79 18.94
N PRO A 154 -12.98 7.07 18.98
CA PRO A 154 -13.43 7.84 20.17
C PRO A 154 -13.10 7.20 21.55
N MET A 155 -13.33 5.89 21.71
CA MET A 155 -12.91 5.20 22.93
C MET A 155 -11.38 5.31 23.17
N LEU A 156 -10.59 5.15 22.11
CA LEU A 156 -9.14 5.26 22.23
C LEU A 156 -8.72 6.69 22.57
N MET A 157 -9.43 7.68 22.04
CA MET A 157 -9.13 9.07 22.37
C MET A 157 -9.50 9.35 23.83
N GLN A 158 -10.63 8.83 24.32
CA GLN A 158 -10.99 9.09 25.72
C GLN A 158 -10.10 8.37 26.74
N SER A 159 -9.48 7.26 26.33
CA SER A 159 -8.52 6.55 27.18
C SER A 159 -7.06 6.93 26.86
N GLN A 160 -6.88 7.72 25.82
CA GLN A 160 -5.55 8.02 25.34
C GLN A 160 -4.79 6.71 25.10
N GLY A 161 -5.43 5.80 24.37
CA GLY A 161 -4.96 4.46 24.22
C GLY A 161 -4.06 4.27 23.03
N SER A 162 -4.04 3.06 22.48
CA SER A 162 -3.01 2.64 21.55
C SER A 162 -3.53 1.62 20.55
N ILE A 163 -2.97 1.70 19.33
CA ILE A 163 -3.29 0.76 18.26
C ILE A 163 -2.03 0.04 17.84
N ALA A 164 -2.08 -1.31 17.81
CA ALA A 164 -1.02 -2.13 17.16
C ALA A 164 -1.47 -2.54 15.77
N VAL A 165 -0.67 -2.17 14.78
CA VAL A 165 -0.98 -2.54 13.42
C VAL A 165 0.02 -3.62 13.03
N VAL A 166 -0.43 -4.88 13.00
CA VAL A 166 0.49 -5.97 12.70
C VAL A 166 0.82 -6.05 11.21
N SER A 167 2.11 -5.85 10.91
CA SER A 167 2.59 -5.92 9.54
C SER A 167 3.69 -6.94 9.42
N SER A 168 4.63 -6.69 8.53
CA SER A 168 5.57 -7.70 8.11
C SER A 168 6.77 -7.01 7.51
N VAL A 169 7.91 -7.69 7.52
CA VAL A 169 8.99 -7.26 6.68
C VAL A 169 8.48 -7.03 5.22
N ALA A 170 7.51 -7.82 4.78
CA ALA A 170 7.01 -7.72 3.40
C ALA A 170 6.04 -6.57 3.26
N GLY A 171 6.02 -5.71 4.28
CA GLY A 171 5.33 -4.43 4.26
C GLY A 171 6.32 -3.28 4.29
N LYS A 172 7.61 -3.63 4.27
CA LYS A 172 8.68 -2.61 4.19
C LYS A 172 9.54 -2.84 2.94
N ILE A 173 9.41 -4.03 2.35
CA ILE A 173 10.33 -4.61 1.37
C ILE A 173 9.53 -5.64 0.58
N THR A 174 9.92 -5.94 -0.65
CA THR A 174 9.15 -6.90 -1.41
C THR A 174 9.83 -8.27 -1.47
N TYR A 175 9.00 -9.31 -1.65
CA TYR A 175 9.41 -10.70 -1.69
C TYR A 175 8.65 -11.33 -2.85
N PRO A 176 9.35 -12.08 -3.73
CA PRO A 176 8.62 -12.85 -4.74
C PRO A 176 7.61 -13.81 -4.10
N LEU A 177 6.57 -14.17 -4.87
CA LEU A 177 5.41 -14.92 -4.37
C LEU A 177 4.70 -13.86 -3.54
N ILE A 178 3.51 -14.05 -3.03
CA ILE A 178 3.01 -12.93 -2.13
C ILE A 178 2.91 -11.42 -2.57
N ALA A 179 2.80 -11.09 -3.86
CA ALA A 179 2.45 -9.68 -4.25
C ALA A 179 1.15 -9.05 -3.70
N PRO A 180 0.02 -9.81 -3.72
CA PRO A 180 -1.25 -9.29 -3.20
C PRO A 180 -1.16 -8.94 -1.71
N TYR A 181 -0.63 -9.86 -0.91
CA TYR A 181 -0.32 -9.61 0.51
C TYR A 181 0.59 -8.39 0.72
N SER A 182 1.62 -8.29 -0.11
CA SER A 182 2.60 -7.25 0.09
C SER A 182 1.98 -5.87 -0.18
N ALA A 183 1.17 -5.75 -1.25
CA ALA A 183 0.37 -4.53 -1.49
C ALA A 183 -0.44 -4.13 -0.25
N SER A 184 -1.16 -5.08 0.36
CA SER A 184 -1.99 -4.76 1.52
C SER A 184 -1.14 -4.24 2.70
N LYS A 185 -0.02 -4.89 3.00
CA LYS A 185 0.88 -4.48 4.08
C LYS A 185 1.55 -3.13 3.87
N PHE A 186 1.98 -2.88 2.64
CA PHE A 186 2.50 -1.59 2.23
C PHE A 186 1.41 -0.54 2.42
N ALA A 187 0.19 -0.85 2.01
CA ALA A 187 -0.92 0.07 2.24
C ALA A 187 -1.00 0.50 3.68
N LEU A 188 -0.90 -0.44 4.62
CA LEU A 188 -1.05 -0.14 6.06
C LEU A 188 -0.02 0.87 6.54
N ASP A 189 1.21 0.77 6.02
CA ASP A 189 2.27 1.72 6.34
C ASP A 189 1.95 3.14 5.83
N GLY A 190 1.56 3.25 4.56
CA GLY A 190 1.14 4.52 3.96
C GLY A 190 0.00 5.15 4.75
N PHE A 191 -1.02 4.37 5.08
CA PHE A 191 -2.14 4.88 5.85
C PHE A 191 -1.78 5.24 7.28
N PHE A 192 -1.36 4.25 8.06
CA PHE A 192 -1.22 4.51 9.49
C PHE A 192 -0.06 5.44 9.87
N SER A 193 1.02 5.43 9.08
CA SER A 193 2.14 6.32 9.34
C SER A 193 1.74 7.78 9.13
N THR A 194 0.98 8.04 8.08
CA THR A 194 0.38 9.37 7.88
C THR A 194 -0.57 9.72 9.03
N LEU A 195 -1.43 8.79 9.41
CA LEU A 195 -2.30 9.00 10.55
C LEU A 195 -1.53 9.41 11.81
N ARG A 196 -0.46 8.67 12.14
CA ARG A 196 0.39 9.04 13.29
C ARG A 196 0.90 10.47 13.18
N SER A 197 1.44 10.82 12.00
CA SER A 197 1.91 12.18 11.66
C SER A 197 0.92 13.26 12.05
N GLU A 198 -0.34 13.02 11.69
CA GLU A 198 -1.39 14.00 11.84
C GLU A 198 -1.78 14.08 13.32
N PHE A 199 -1.82 12.90 13.97
CA PHE A 199 -2.11 12.79 15.39
C PHE A 199 -1.11 13.59 16.19
N LEU A 200 0.17 13.55 15.80
CA LEU A 200 1.22 14.31 16.51
C LEU A 200 1.02 15.83 16.36
N VAL A 201 0.66 16.27 15.17
CA VAL A 201 0.41 17.68 14.90
C VAL A 201 -0.81 18.20 15.70
N ASN A 202 -1.70 17.28 16.10
CA ASN A 202 -3.09 17.63 16.36
C ASN A 202 -3.87 17.66 17.68
N LYS A 203 -3.36 17.35 18.88
CA LYS A 203 -2.27 16.50 19.23
C LYS A 203 -3.08 15.37 19.90
N VAL A 204 -3.34 14.29 19.16
CA VAL A 204 -4.40 13.36 19.54
C VAL A 204 -4.14 12.43 20.75
N ASN A 205 -2.92 11.96 20.97
CA ASN A 205 -2.70 11.16 22.19
C ASN A 205 -3.24 9.74 22.04
N VAL A 206 -3.33 9.27 20.79
CA VAL A 206 -3.59 7.91 20.47
C VAL A 206 -2.36 7.45 19.72
N SER A 207 -1.69 6.44 20.28
CA SER A 207 -0.43 6.01 19.72
C SER A 207 -0.68 4.89 18.71
N ILE A 208 0.19 4.80 17.72
CA ILE A 208 0.07 3.87 16.62
C ILE A 208 1.41 3.18 16.40
N THR A 209 1.45 1.88 16.69
CA THR A 209 2.68 1.10 16.61
C THR A 209 2.61 0.14 15.45
N LEU A 210 3.49 0.33 14.47
CA LEU A 210 3.53 -0.54 13.31
C LEU A 210 4.51 -1.69 13.63
N CYS A 211 4.02 -2.93 13.57
CA CYS A 211 4.81 -4.08 13.97
C CYS A 211 5.37 -4.77 12.73
N ILE A 212 6.69 -4.74 12.59
CA ILE A 212 7.36 -5.33 11.41
C ILE A 212 7.93 -6.69 11.78
N LEU A 213 7.24 -7.73 11.38
CA LEU A 213 7.60 -9.10 11.77
C LEU A 213 8.32 -9.82 10.66
N GLY A 214 9.44 -10.47 11.01
CA GLY A 214 10.05 -11.44 10.11
C GLY A 214 9.28 -12.74 10.11
N LEU A 215 9.94 -13.82 9.71
CA LEU A 215 9.28 -15.11 9.59
C LEU A 215 8.95 -15.63 10.99
N ILE A 216 7.71 -16.05 11.23
CA ILE A 216 7.28 -16.50 12.55
C ILE A 216 6.80 -17.97 12.51
N ASP A 217 7.15 -18.77 13.52
CA ASP A 217 6.88 -20.23 13.52
C ASP A 217 5.41 -20.61 13.79
N THR A 218 4.53 -19.83 13.20
CA THR A 218 3.12 -20.08 13.14
C THR A 218 2.82 -21.29 12.25
N GLU A 219 1.79 -22.05 12.59
CA GLU A 219 1.45 -23.25 11.79
C GLU A 219 1.16 -22.94 10.32
N THR A 220 0.39 -21.89 10.09
CA THR A 220 0.06 -21.42 8.77
C THR A 220 1.33 -21.05 8.00
N ALA A 221 2.22 -20.34 8.67
CA ALA A 221 3.49 -19.90 8.05
C ALA A 221 4.44 -21.06 7.77
N ILE A 222 4.56 -22.01 8.71
CA ILE A 222 5.41 -23.18 8.53
C ILE A 222 4.92 -24.05 7.36
N LYS A 223 3.61 -24.31 7.28
CA LYS A 223 3.03 -25.01 6.12
C LYS A 223 3.27 -24.22 4.82
N ALA A 224 2.87 -22.95 4.82
CA ALA A 224 2.98 -22.10 3.62
C ALA A 224 4.39 -22.06 3.00
N THR A 225 5.41 -21.93 3.84
CA THR A 225 6.79 -21.71 3.38
C THR A 225 7.56 -23.00 3.18
N SER A 226 6.94 -24.11 3.59
CA SER A 226 7.62 -25.42 3.76
C SER A 226 8.67 -25.79 2.72
N GLY A 227 8.28 -25.87 1.45
CA GLY A 227 9.28 -26.32 0.45
C GLY A 227 9.94 -25.16 -0.28
N ILE A 228 9.70 -23.93 0.20
CA ILE A 228 9.85 -22.73 -0.62
C ILE A 228 10.78 -21.65 -0.07
N TYR A 229 10.55 -21.26 1.16
CA TYR A 229 11.40 -20.28 1.80
C TYR A 229 12.06 -20.90 3.01
N LEU A 230 13.38 -20.78 3.09
CA LEU A 230 14.14 -21.61 4.00
C LEU A 230 14.86 -20.86 5.13
N GLY A 231 14.65 -19.55 5.22
CA GLY A 231 15.20 -18.75 6.32
C GLY A 231 14.63 -19.16 7.68
N PRO A 232 15.33 -18.81 8.78
CA PRO A 232 14.88 -19.24 10.11
C PRO A 232 13.62 -18.52 10.60
N ALA A 233 12.85 -19.19 11.46
CA ALA A 233 11.60 -18.66 11.98
C ALA A 233 11.76 -18.31 13.44
N SER A 234 11.28 -17.12 13.83
CA SER A 234 11.24 -16.69 15.23
C SER A 234 9.98 -17.18 15.96
N PRO A 235 10.06 -17.39 17.30
CA PRO A 235 8.93 -17.99 18.00
C PRO A 235 7.77 -17.03 18.22
N LYS A 236 6.55 -17.53 18.00
CA LYS A 236 5.33 -16.76 18.05
C LYS A 236 5.02 -16.27 19.47
N GLU A 237 5.47 -17.04 20.49
CA GLU A 237 5.15 -16.69 21.87
C GLU A 237 5.85 -15.39 22.23
N GLU A 238 7.15 -15.32 21.94
CA GLU A 238 7.92 -14.11 22.14
C GLU A 238 7.48 -13.02 21.18
N CYS A 239 7.21 -13.36 19.92
CA CYS A 239 6.65 -12.40 18.96
C CYS A 239 5.42 -11.65 19.52
N ALA A 240 4.45 -12.41 20.04
CA ALA A 240 3.26 -11.86 20.68
C ALA A 240 3.60 -10.93 21.84
N LEU A 241 4.57 -11.29 22.66
CA LEU A 241 5.01 -10.45 23.76
C LEU A 241 5.60 -9.13 23.26
N GLU A 242 6.41 -9.20 22.22
CA GLU A 242 7.08 -8.02 21.71
C GLU A 242 6.12 -7.03 21.05
N ILE A 243 5.11 -7.55 20.36
CA ILE A 243 3.99 -6.72 19.91
C ILE A 243 3.34 -5.95 21.06
N ILE A 244 3.09 -6.59 22.20
CA ILE A 244 2.46 -5.80 23.24
C ILE A 244 3.37 -4.88 24.02
N LYS A 245 4.65 -5.25 24.15
CA LYS A 245 5.59 -4.33 24.81
C LYS A 245 5.72 -3.06 23.97
N GLY A 246 5.95 -3.19 22.67
CA GLY A 246 6.11 -2.02 21.81
C GLY A 246 4.88 -1.13 21.75
N THR A 247 3.70 -1.76 21.70
CA THR A 247 2.45 -1.01 21.70
C THR A 247 2.18 -0.29 23.07
N ALA A 248 2.48 -0.98 24.17
CA ALA A 248 2.30 -0.40 25.49
C ALA A 248 3.28 0.74 25.70
N LEU A 249 4.49 0.55 25.20
CA LEU A 249 5.53 1.56 25.27
C LEU A 249 5.35 2.68 24.24
N ARG A 250 4.27 2.59 23.45
CA ARG A 250 3.88 3.62 22.47
C ARG A 250 4.93 3.89 21.42
N GLN A 251 5.64 2.87 20.96
CA GLN A 251 6.64 3.03 19.91
C GLN A 251 5.99 3.27 18.54
N ASP A 252 6.61 4.09 17.67
CA ASP A 252 6.10 4.23 16.31
C ASP A 252 6.19 2.88 15.62
N GLU A 253 7.33 2.22 15.79
CA GLU A 253 7.58 0.93 15.15
C GLU A 253 8.15 -0.09 16.14
N MET A 254 7.84 -1.36 15.88
CA MET A 254 8.38 -2.46 16.68
C MET A 254 8.93 -3.49 15.70
N TYR A 255 10.20 -3.85 15.82
CA TYR A 255 10.77 -4.83 14.89
C TYR A 255 10.98 -6.16 15.57
N TYR A 256 10.42 -7.22 15.02
CA TYR A 256 10.73 -8.57 15.50
C TYR A 256 11.08 -9.47 14.33
N VAL A 257 12.37 -9.53 13.99
CA VAL A 257 12.74 -10.02 12.65
C VAL A 257 13.79 -11.08 12.64
N GLY A 258 14.20 -11.53 13.82
CA GLY A 258 15.13 -12.65 13.90
C GLY A 258 16.59 -12.28 13.73
N SER A 259 16.88 -11.00 13.88
CA SER A 259 18.23 -10.43 13.67
C SER A 259 18.31 -9.03 14.24
N ARG A 260 19.47 -8.65 14.76
CA ARG A 260 19.57 -7.32 15.35
C ARG A 260 19.99 -6.26 14.33
N TRP A 261 20.61 -6.69 13.24
CA TRP A 261 21.03 -5.75 12.20
C TRP A 261 20.00 -5.56 11.07
N VAL A 262 19.11 -6.53 10.89
CA VAL A 262 18.07 -6.38 9.88
C VAL A 262 17.26 -5.07 10.06
N PRO A 263 16.79 -4.76 11.28
CA PRO A 263 15.99 -3.53 11.45
C PRO A 263 16.64 -2.26 10.93
N TYR A 264 17.96 -2.17 11.01
CA TYR A 264 18.66 -1.00 10.48
C TYR A 264 18.43 -0.83 8.99
N LEU A 265 18.30 -1.95 8.28
CA LEU A 265 18.10 -1.90 6.83
C LEU A 265 16.62 -1.76 6.44
N LEU A 266 15.73 -1.78 7.42
CA LEU A 266 14.30 -1.78 7.15
C LEU A 266 13.66 -0.42 7.42
N GLY A 267 14.35 0.40 8.18
CA GLY A 267 13.71 1.62 8.65
C GLY A 267 14.16 2.90 7.97
N ASN A 268 14.42 2.86 6.65
CA ASN A 268 15.12 3.92 5.93
C ASN A 268 15.21 5.27 6.58
N PRO A 269 16.37 5.58 7.13
CA PRO A 269 16.68 6.91 7.65
C PRO A 269 16.40 8.02 6.64
N GLY A 270 16.59 7.72 5.36
CA GLY A 270 16.25 8.65 4.27
C GLY A 270 14.81 9.13 4.34
N ARG A 271 13.88 8.18 4.48
CA ARG A 271 12.46 8.45 4.61
C ARG A 271 12.23 9.40 5.79
N LYS A 272 12.82 9.08 6.93
CA LYS A 272 12.67 9.90 8.13
C LYS A 272 13.18 11.34 7.95
N ILE A 273 14.36 11.51 7.33
CA ILE A 273 14.90 12.83 7.00
C ILE A 273 13.95 13.57 6.05
N MET A 274 13.55 12.90 4.96
CA MET A 274 12.70 13.57 3.97
C MET A 274 11.32 13.96 4.58
N GLU A 275 10.78 13.10 5.47
CA GLU A 275 9.56 13.47 6.22
C GLU A 275 9.79 14.66 7.13
N PHE A 276 10.93 14.70 7.78
CA PHE A 276 11.22 15.81 8.69
C PHE A 276 11.40 17.10 7.90
N LEU A 277 12.12 17.04 6.78
CA LEU A 277 12.37 18.24 5.95
C LEU A 277 11.07 18.73 5.33
N SER A 278 10.19 17.81 4.92
CA SER A 278 8.98 18.16 4.17
C SER A 278 7.96 18.90 5.00
N ALA A 279 8.00 18.68 6.32
CA ALA A 279 7.14 19.35 7.29
C ALA A 279 7.23 20.86 7.23
N ALA A 280 8.45 21.39 7.10
CA ALA A 280 8.68 22.83 7.07
C ALA A 280 8.18 23.43 5.78
N GLU A 281 7.58 22.59 4.93
CA GLU A 281 7.09 23.04 3.65
C GLU A 281 5.62 23.43 3.68
N TYR A 282 4.90 23.00 4.72
CA TYR A 282 3.52 23.39 4.88
C TYR A 282 3.41 24.75 5.48
N ASN A 283 2.26 25.37 5.25
CA ASN A 283 1.83 26.55 5.98
C ASN A 283 0.90 26.06 7.09
N TRP A 284 1.46 25.83 8.28
CA TRP A 284 0.69 25.22 9.37
C TRP A 284 -0.37 26.16 9.93
N ASP A 285 -0.11 27.48 9.90
CA ASP A 285 -1.13 28.44 10.29
C ASP A 285 -2.45 28.15 9.57
N ASN A 286 -2.40 28.04 8.24
CA ASN A 286 -3.58 27.76 7.43
C ASN A 286 -4.14 26.36 7.65
N VAL A 287 -3.27 25.36 7.62
CA VAL A 287 -3.70 24.01 7.86
C VAL A 287 -4.46 23.89 9.18
N LEU A 288 -3.88 24.41 10.27
CA LEU A 288 -4.47 24.23 11.59
C LEU A 288 -5.76 25.03 11.79
N SER A 289 -5.85 26.21 11.16
CA SER A 289 -7.06 27.04 11.24
C SER A 289 -8.20 26.56 10.32
N ASN A 290 -7.87 25.94 9.20
CA ASN A 290 -8.88 25.22 8.38
C ASN A 290 -9.46 24.02 9.14
N GLU A 291 -8.60 23.29 9.84
CA GLU A 291 -9.04 22.20 10.71
C GLU A 291 -9.99 22.69 11.82
N LYS A 292 -9.68 23.85 12.39
CA LYS A 292 -10.45 24.42 13.47
C LYS A 292 -11.81 24.94 12.99
N LEU A 293 -11.87 25.48 11.76
CA LEU A 293 -13.18 25.93 11.23
C LEU A 293 -14.06 24.77 10.74
N TYR A 294 -13.48 23.75 10.08
CA TYR A 294 -14.21 22.60 9.50
C TYR A 294 -13.70 21.18 9.76
N GLY A 295 -14.27 20.25 8.99
CA GLY A 295 -13.76 18.87 8.87
C GLY A 295 -13.81 18.16 10.19
N ASN B 22 19.77 1.52 -27.38
CA ASN B 22 19.02 1.59 -26.07
C ASN B 22 19.94 1.81 -24.85
N GLU B 23 20.69 2.90 -24.87
CA GLU B 23 21.48 3.33 -23.69
C GLU B 23 21.10 4.76 -23.31
N LYS B 24 21.07 5.62 -24.33
CA LYS B 24 20.54 6.97 -24.22
C LYS B 24 19.13 6.94 -24.82
N PHE B 25 18.24 7.80 -24.35
CA PHE B 25 16.94 7.91 -25.02
C PHE B 25 17.03 8.62 -26.39
N ARG B 26 16.25 8.11 -27.33
CA ARG B 26 16.08 8.72 -28.65
C ARG B 26 14.58 8.77 -28.92
N PRO B 27 14.07 9.90 -29.44
CA PRO B 27 12.62 10.05 -29.61
C PRO B 27 12.09 8.95 -30.52
N GLU B 28 12.95 8.51 -31.43
CA GLU B 28 12.63 7.50 -32.45
C GLU B 28 12.15 6.18 -31.86
N MET B 29 12.41 5.96 -30.57
CA MET B 29 12.04 4.71 -29.87
C MET B 29 10.55 4.51 -29.64
N LEU B 30 9.77 5.57 -29.81
CA LEU B 30 8.33 5.50 -29.67
C LEU B 30 7.62 5.61 -31.02
N GLN B 31 8.40 5.79 -32.09
CA GLN B 31 7.91 5.85 -33.46
C GLN B 31 7.12 4.58 -33.77
N GLY B 32 5.83 4.74 -34.06
CA GLY B 32 4.98 3.61 -34.40
C GLY B 32 4.62 2.66 -33.26
N LYS B 33 5.01 2.99 -32.02
CA LYS B 33 4.71 2.11 -30.88
C LYS B 33 3.27 2.33 -30.42
N LYS B 34 2.65 1.27 -29.89
CA LYS B 34 1.25 1.32 -29.53
C LYS B 34 1.11 1.56 -28.02
N VAL B 35 0.58 2.72 -27.66
CA VAL B 35 0.59 3.17 -26.27
C VAL B 35 -0.79 3.53 -25.76
N ILE B 36 -1.13 2.96 -24.60
CA ILE B 36 -2.25 3.40 -23.79
C ILE B 36 -1.76 4.48 -22.79
N VAL B 37 -2.51 5.57 -22.64
CA VAL B 37 -2.30 6.54 -21.58
C VAL B 37 -3.60 6.80 -20.84
N THR B 38 -3.64 6.45 -19.54
CA THR B 38 -4.83 6.70 -18.72
C THR B 38 -4.77 8.11 -18.07
N GLY B 39 -5.91 8.65 -17.68
CA GLY B 39 -5.98 9.98 -17.08
C GLY B 39 -5.37 11.06 -17.96
N ALA B 40 -5.70 11.03 -19.26
CA ALA B 40 -4.97 11.85 -20.23
C ALA B 40 -5.77 13.00 -20.80
N SER B 41 -6.81 13.43 -20.09
CA SER B 41 -7.62 14.53 -20.56
C SER B 41 -7.05 15.86 -20.11
N LYS B 42 -6.29 15.83 -19.01
CA LYS B 42 -5.57 17.02 -18.53
C LYS B 42 -4.31 16.62 -17.77
N GLY B 43 -3.71 17.59 -17.07
CA GLY B 43 -2.49 17.37 -16.27
C GLY B 43 -1.38 16.63 -16.99
N ILE B 44 -0.67 15.78 -16.27
CA ILE B 44 0.51 15.10 -16.79
C ILE B 44 0.15 14.16 -17.92
N GLY B 45 -0.99 13.49 -17.78
CA GLY B 45 -1.49 12.56 -18.79
C GLY B 45 -1.63 13.18 -20.17
N ARG B 46 -2.34 14.31 -20.23
CA ARG B 46 -2.49 15.07 -21.48
C ARG B 46 -1.11 15.36 -22.08
N GLU B 47 -0.15 15.74 -21.23
CA GLU B 47 1.22 16.03 -21.68
C GLU B 47 1.89 14.77 -22.25
N ILE B 48 1.75 13.64 -21.56
CA ILE B 48 2.30 12.40 -22.09
C ILE B 48 1.79 12.09 -23.51
N ALA B 49 0.48 12.26 -23.72
CA ALA B 49 -0.11 12.08 -25.04
C ALA B 49 0.57 13.00 -26.07
N TYR B 50 0.66 14.28 -25.73
CA TYR B 50 1.33 15.26 -26.59
C TYR B 50 2.71 14.79 -27.04
N HIS B 51 3.59 14.50 -26.07
CA HIS B 51 4.93 14.03 -26.37
C HIS B 51 4.95 12.76 -27.20
N LEU B 52 3.99 11.87 -26.97
CA LEU B 52 3.93 10.62 -27.72
C LEU B 52 3.46 10.87 -29.14
N ALA B 53 2.58 11.85 -29.29
CA ALA B 53 2.13 12.27 -30.61
C ALA B 53 3.28 12.91 -31.38
N LYS B 54 4.13 13.69 -30.71
CA LYS B 54 5.28 14.32 -31.41
C LYS B 54 6.31 13.29 -31.86
N MET B 55 6.33 12.15 -31.17
CA MET B 55 7.24 11.06 -31.51
C MET B 55 6.64 10.13 -32.57
N GLY B 56 5.37 10.38 -32.90
CA GLY B 56 4.67 9.60 -33.92
C GLY B 56 4.23 8.24 -33.45
N ALA B 57 3.91 8.12 -32.16
CA ALA B 57 3.36 6.87 -31.63
C ALA B 57 1.89 6.73 -32.00
N HIS B 58 1.39 5.49 -31.95
CA HIS B 58 -0.04 5.18 -31.93
C HIS B 58 -0.50 5.34 -30.48
N VAL B 59 -1.62 6.04 -30.31
CA VAL B 59 -2.04 6.46 -28.99
C VAL B 59 -3.53 6.19 -28.76
N VAL B 60 -3.84 5.55 -27.63
CA VAL B 60 -5.20 5.44 -27.16
C VAL B 60 -5.27 6.06 -25.75
N VAL B 61 -6.15 7.05 -25.64
CA VAL B 61 -6.22 7.95 -24.51
C VAL B 61 -7.56 7.72 -23.80
N THR B 62 -7.56 7.74 -22.47
CA THR B 62 -8.78 7.52 -21.67
C THR B 62 -8.86 8.43 -20.43
N ALA B 63 -10.10 8.65 -19.97
CA ALA B 63 -10.47 9.39 -18.75
C ALA B 63 -11.98 9.41 -18.77
N ARG B 64 -12.61 10.15 -17.85
CA ARG B 64 -14.09 10.19 -17.85
C ARG B 64 -14.70 11.16 -18.88
N SER B 65 -14.06 12.31 -19.08
CA SER B 65 -14.66 13.38 -19.89
C SER B 65 -14.46 13.22 -21.40
N LYS B 66 -15.55 12.82 -22.05
CA LYS B 66 -15.61 12.69 -23.51
C LYS B 66 -15.02 13.91 -24.24
N GLU B 67 -15.51 15.09 -23.88
CA GLU B 67 -15.19 16.28 -24.67
C GLU B 67 -13.71 16.67 -24.52
N ALA B 68 -13.17 16.48 -23.32
CA ALA B 68 -11.77 16.80 -23.01
C ALA B 68 -10.83 15.87 -23.78
N LEU B 69 -11.19 14.60 -23.87
CA LEU B 69 -10.40 13.59 -24.59
C LEU B 69 -10.46 13.78 -26.11
N GLN B 70 -11.62 14.21 -26.60
CA GLN B 70 -11.78 14.55 -28.01
C GLN B 70 -10.77 15.62 -28.41
N LYS B 71 -10.60 16.63 -27.56
CA LYS B 71 -9.67 17.75 -27.84
C LYS B 71 -8.22 17.26 -27.91
N VAL B 72 -7.87 16.41 -26.94
CA VAL B 72 -6.55 15.80 -26.85
C VAL B 72 -6.25 14.96 -28.09
N VAL B 73 -7.19 14.09 -28.46
CA VAL B 73 -7.11 13.28 -29.68
C VAL B 73 -6.82 14.13 -30.94
N ALA B 74 -7.62 15.17 -31.15
CA ALA B 74 -7.46 16.07 -32.32
C ALA B 74 -6.09 16.76 -32.28
N ARG B 75 -5.69 17.22 -31.10
CA ARG B 75 -4.37 17.85 -30.93
C ARG B 75 -3.22 16.87 -31.23
N CYS B 76 -3.34 15.62 -30.79
CA CYS B 76 -2.36 14.58 -31.08
C CYS B 76 -2.22 14.23 -32.57
N LEU B 77 -3.32 14.20 -33.31
CA LEU B 77 -3.23 14.02 -34.75
C LEU B 77 -2.51 15.21 -35.37
N GLU B 78 -2.82 16.42 -34.88
CA GLU B 78 -2.13 17.65 -35.34
C GLU B 78 -0.63 17.57 -35.13
N LEU B 79 -0.22 17.09 -33.95
CA LEU B 79 1.19 17.01 -33.57
C LEU B 79 1.98 15.91 -34.27
N GLY B 80 1.30 14.98 -34.95
CA GLY B 80 1.96 13.94 -35.72
C GLY B 80 1.89 12.51 -35.19
N ALA B 81 0.86 12.19 -34.40
CA ALA B 81 0.61 10.82 -33.97
C ALA B 81 0.33 9.94 -35.20
N ALA B 82 0.86 8.73 -35.21
CA ALA B 82 0.52 7.74 -36.25
C ALA B 82 -0.99 7.47 -36.29
N SER B 83 -1.60 7.39 -35.11
CA SER B 83 -3.07 7.35 -34.92
C SER B 83 -3.42 7.75 -33.48
N ALA B 84 -4.65 8.20 -33.29
CA ALA B 84 -5.10 8.69 -32.02
C ALA B 84 -6.59 8.43 -31.79
N HIS B 85 -6.90 7.74 -30.69
CA HIS B 85 -8.30 7.51 -30.30
C HIS B 85 -8.48 7.65 -28.79
N TYR B 86 -9.74 7.86 -28.37
CA TYR B 86 -10.10 7.90 -26.95
C TYR B 86 -11.26 6.94 -26.67
N ILE B 87 -11.28 6.39 -25.44
CA ILE B 87 -12.44 5.69 -24.91
C ILE B 87 -12.70 6.28 -23.53
N ALA B 88 -13.88 6.83 -23.33
CA ALA B 88 -14.25 7.43 -22.05
C ALA B 88 -14.92 6.45 -21.08
N GLY B 89 -14.52 6.52 -19.83
CA GLY B 89 -15.13 5.72 -18.79
C GLY B 89 -14.44 5.96 -17.45
N SER B 90 -15.02 5.38 -16.41
CA SER B 90 -14.50 5.56 -15.06
C SER B 90 -13.69 4.37 -14.61
N MET B 91 -12.50 4.66 -14.12
CA MET B 91 -11.61 3.63 -13.58
C MET B 91 -11.99 3.10 -12.20
N GLU B 92 -13.17 3.49 -11.66
CA GLU B 92 -13.67 2.78 -10.48
C GLU B 92 -14.61 1.62 -10.83
N ASP B 93 -14.93 1.54 -12.11
CA ASP B 93 -15.64 0.42 -12.70
C ASP B 93 -14.57 -0.53 -13.29
N MET B 94 -14.35 -1.64 -12.59
CA MET B 94 -13.35 -2.64 -12.98
C MET B 94 -13.68 -3.37 -14.30
N THR B 95 -14.96 -3.41 -14.65
CA THR B 95 -15.41 -3.96 -15.91
C THR B 95 -15.02 -3.05 -17.07
N PHE B 96 -15.11 -1.75 -16.86
CA PHE B 96 -14.69 -0.81 -17.89
C PHE B 96 -13.19 -0.89 -18.10
N ALA B 97 -12.46 -1.03 -16.99
CA ALA B 97 -11.02 -1.08 -17.02
C ALA B 97 -10.52 -2.27 -17.85
N GLU B 98 -11.15 -3.42 -17.66
CA GLU B 98 -10.74 -4.64 -18.35
C GLU B 98 -11.08 -4.55 -19.83
N GLU B 99 -12.23 -3.97 -20.12
CA GLU B 99 -12.73 -3.88 -21.48
C GLU B 99 -12.15 -2.72 -22.25
N PHE B 100 -11.73 -1.69 -21.53
CA PHE B 100 -10.98 -0.61 -22.16
C PHE B 100 -9.72 -1.13 -22.83
N VAL B 101 -8.99 -2.01 -22.14
CA VAL B 101 -7.71 -2.52 -22.63
C VAL B 101 -7.89 -3.34 -23.92
N ALA B 102 -8.96 -4.13 -23.97
CA ALA B 102 -9.25 -4.96 -25.13
C ALA B 102 -9.57 -4.10 -26.36
N GLU B 103 -10.35 -3.04 -26.16
CA GLU B 103 -10.73 -2.15 -27.25
C GLU B 103 -9.51 -1.41 -27.75
N ALA B 104 -8.68 -0.97 -26.81
CA ALA B 104 -7.47 -0.22 -27.09
C ALA B 104 -6.53 -1.05 -27.93
N GLY B 105 -6.39 -2.32 -27.60
CA GLY B 105 -5.57 -3.25 -28.38
C GLY B 105 -6.07 -3.40 -29.80
N ASN B 106 -7.39 -3.63 -29.93
CA ASN B 106 -8.09 -3.71 -31.22
C ASN B 106 -7.89 -2.49 -32.14
N LEU B 107 -8.02 -1.28 -31.59
CA LEU B 107 -7.85 -0.08 -32.40
C LEU B 107 -6.40 0.07 -32.89
N MET B 108 -5.45 -0.51 -32.13
CA MET B 108 -4.02 -0.44 -32.48
C MET B 108 -3.42 -1.74 -33.05
N GLY B 109 -4.14 -2.84 -32.89
CA GLY B 109 -3.63 -4.16 -33.31
C GLY B 109 -2.52 -4.66 -32.40
N GLY B 110 -2.53 -4.21 -31.14
CA GLY B 110 -1.58 -4.66 -30.13
C GLY B 110 -1.23 -3.58 -29.12
N LEU B 111 -0.22 -3.85 -28.30
CA LEU B 111 0.18 -2.89 -27.25
C LEU B 111 1.67 -3.06 -26.90
N ASP B 112 2.37 -1.92 -26.87
CA ASP B 112 3.78 -1.88 -26.53
C ASP B 112 4.00 -1.28 -25.16
N MET B 113 3.12 -0.34 -24.79
CA MET B 113 3.32 0.42 -23.57
C MET B 113 2.00 0.79 -22.90
N LEU B 114 1.93 0.47 -21.63
CA LEU B 114 0.75 0.79 -20.82
C LEU B 114 1.18 1.84 -19.80
N ILE B 115 0.65 3.05 -19.93
CA ILE B 115 1.02 4.15 -19.06
C ILE B 115 -0.13 4.37 -18.10
N LEU B 116 0.07 3.97 -16.84
CA LEU B 116 -0.97 4.00 -15.81
C LEU B 116 -0.84 5.30 -15.03
N ASN B 117 -1.73 6.24 -15.34
CA ASN B 117 -1.56 7.63 -14.94
C ASN B 117 -2.70 8.27 -14.13
N HIS B 118 -3.95 7.90 -14.39
CA HIS B 118 -5.09 8.50 -13.68
C HIS B 118 -4.96 8.36 -12.17
N VAL B 119 -5.72 9.18 -11.44
CA VAL B 119 -5.68 9.20 -10.00
C VAL B 119 -6.90 9.95 -9.52
N LEU B 120 -7.38 9.57 -8.35
CA LEU B 120 -8.42 10.30 -7.66
C LEU B 120 -7.69 11.09 -6.59
N TYR B 121 -7.90 12.40 -6.57
CA TYR B 121 -7.43 13.20 -5.45
C TYR B 121 -8.57 13.53 -4.48
N ASN B 122 -8.33 13.35 -3.19
CA ASN B 122 -9.21 13.97 -2.18
C ASN B 122 -8.69 15.36 -1.78
N ARG B 123 -9.51 16.10 -1.06
CA ARG B 123 -9.12 17.36 -0.44
C ARG B 123 -7.91 17.11 0.50
N LEU B 124 -6.99 18.07 0.57
CA LEU B 124 -5.94 18.07 1.57
C LEU B 124 -6.56 18.42 2.91
N THR B 125 -6.74 17.40 3.73
CA THR B 125 -7.44 17.54 5.00
C THR B 125 -6.90 16.55 6.02
N PHE B 126 -7.03 16.83 7.30
CA PHE B 126 -6.72 15.82 8.30
C PHE B 126 -7.66 14.65 8.15
N PHE B 127 -7.17 13.43 8.32
CA PHE B 127 -8.08 12.30 8.25
C PHE B 127 -9.03 12.35 9.44
N HIS B 128 -10.33 12.23 9.18
CA HIS B 128 -11.35 12.22 10.25
C HIS B 128 -12.25 10.99 10.23
N GLY B 129 -11.84 9.93 9.55
CA GLY B 129 -12.66 8.71 9.48
C GLY B 129 -13.52 8.61 8.24
N GLU B 130 -13.11 9.31 7.18
CA GLU B 130 -13.80 9.21 5.91
C GLU B 130 -13.40 7.91 5.25
N ILE B 131 -14.04 6.81 5.65
CA ILE B 131 -13.60 5.54 5.11
C ILE B 131 -13.92 5.40 3.59
N ASP B 132 -14.97 6.10 3.13
CA ASP B 132 -15.28 6.13 1.69
C ASP B 132 -14.18 6.75 0.82
N ASN B 133 -13.46 7.75 1.33
CA ASN B 133 -12.27 8.25 0.64
C ASN B 133 -11.17 7.20 0.53
N VAL B 134 -10.96 6.45 1.62
CA VAL B 134 -9.99 5.37 1.62
C VAL B 134 -10.30 4.32 0.54
N ARG B 135 -11.55 3.90 0.51
CA ARG B 135 -12.03 2.88 -0.38
C ARG B 135 -11.99 3.34 -1.83
N LYS B 136 -12.49 4.54 -2.09
CA LYS B 136 -12.47 5.15 -3.44
C LYS B 136 -11.04 5.36 -3.97
N SER B 137 -10.16 5.88 -3.12
CA SER B 137 -8.76 6.03 -3.50
C SER B 137 -8.11 4.69 -3.83
N MET B 138 -8.38 3.68 -3.01
CA MET B 138 -7.81 2.37 -3.26
C MET B 138 -8.37 1.80 -4.59
N GLU B 139 -9.66 1.99 -4.83
CA GLU B 139 -10.28 1.54 -6.09
C GLU B 139 -9.65 2.20 -7.31
N VAL B 140 -9.65 3.53 -7.33
CA VAL B 140 -9.22 4.27 -8.50
C VAL B 140 -7.70 4.23 -8.66
N ASN B 141 -6.96 4.41 -7.56
CA ASN B 141 -5.50 4.56 -7.70
C ASN B 141 -4.69 3.27 -7.73
N PHE B 142 -5.23 2.19 -7.15
CA PHE B 142 -4.53 0.92 -7.08
C PHE B 142 -5.26 -0.24 -7.79
N HIS B 143 -6.48 -0.60 -7.39
CA HIS B 143 -7.13 -1.79 -7.97
C HIS B 143 -7.23 -1.74 -9.49
N SER B 144 -7.63 -0.58 -10.01
CA SER B 144 -7.76 -0.43 -11.46
C SER B 144 -6.42 -0.52 -12.19
N PHE B 145 -5.36 0.08 -11.63
CA PHE B 145 -4.00 -0.17 -12.18
C PHE B 145 -3.73 -1.68 -12.27
N VAL B 146 -4.13 -2.45 -11.26
CA VAL B 146 -3.92 -3.92 -11.31
C VAL B 146 -4.73 -4.58 -12.43
N VAL B 147 -6.00 -4.18 -12.54
CA VAL B 147 -6.92 -4.74 -13.55
C VAL B 147 -6.46 -4.38 -14.96
N LEU B 148 -6.02 -3.13 -15.16
CA LEU B 148 -5.49 -2.71 -16.43
C LEU B 148 -4.30 -3.57 -16.82
N SER B 149 -3.41 -3.82 -15.85
CA SER B 149 -2.17 -4.54 -16.11
C SER B 149 -2.45 -5.97 -16.46
N VAL B 150 -3.39 -6.56 -15.72
CA VAL B 150 -3.73 -7.95 -15.98
C VAL B 150 -4.34 -8.10 -17.38
N ALA B 151 -5.33 -7.29 -17.71
CA ALA B 151 -5.92 -7.31 -19.06
C ALA B 151 -4.92 -7.10 -20.23
N ALA B 152 -3.84 -6.36 -19.97
CA ALA B 152 -2.88 -5.95 -21.00
C ALA B 152 -1.69 -6.90 -21.09
N MET B 153 -1.55 -7.78 -20.11
CA MET B 153 -0.33 -8.55 -19.94
C MET B 153 -0.02 -9.40 -21.17
N PRO B 154 -1.01 -10.17 -21.68
CA PRO B 154 -0.68 -10.98 -22.87
C PRO B 154 -0.12 -10.17 -24.08
N MET B 155 -0.68 -8.99 -24.33
CA MET B 155 -0.20 -8.15 -25.45
C MET B 155 1.20 -7.60 -25.18
N LEU B 156 1.43 -7.24 -23.93
CA LEU B 156 2.74 -6.73 -23.48
C LEU B 156 3.79 -7.83 -23.56
N MET B 157 3.38 -9.06 -23.25
CA MET B 157 4.29 -10.19 -23.30
C MET B 157 4.70 -10.52 -24.72
N GLN B 158 3.77 -10.46 -25.67
CA GLN B 158 4.08 -10.74 -27.08
C GLN B 158 4.88 -9.64 -27.78
N SER B 159 4.83 -8.42 -27.22
CA SER B 159 5.62 -7.29 -27.74
C SER B 159 6.83 -6.99 -26.85
N GLN B 160 7.06 -7.82 -25.83
CA GLN B 160 8.07 -7.55 -24.79
C GLN B 160 7.98 -6.05 -24.37
N GLY B 161 6.77 -5.58 -24.10
CA GLY B 161 6.52 -4.17 -23.85
C GLY B 161 6.79 -3.71 -22.42
N SER B 162 6.08 -2.66 -22.00
CA SER B 162 6.41 -1.96 -20.78
C SER B 162 5.21 -1.28 -20.14
N ILE B 163 5.26 -1.20 -18.81
CA ILE B 163 4.25 -0.53 -18.02
C ILE B 163 4.89 0.62 -17.24
N ALA B 164 4.29 1.80 -17.35
CA ALA B 164 4.60 2.92 -16.47
C ALA B 164 3.57 2.96 -15.35
N VAL B 165 4.04 2.90 -14.10
CA VAL B 165 3.18 2.98 -12.93
C VAL B 165 3.42 4.34 -12.33
N VAL B 166 2.51 5.29 -12.54
CA VAL B 166 2.78 6.64 -12.09
C VAL B 166 2.43 6.75 -10.59
N SER B 167 3.45 7.05 -9.77
CA SER B 167 3.27 7.24 -8.34
C SER B 167 3.72 8.63 -7.95
N SER B 168 4.29 8.73 -6.76
CA SER B 168 4.45 10.01 -6.08
C SER B 168 5.52 9.82 -5.00
N VAL B 169 6.17 10.91 -4.61
CA VAL B 169 7.01 10.89 -3.41
C VAL B 169 6.18 10.34 -2.22
N ALA B 170 4.88 10.64 -2.23
CA ALA B 170 3.97 10.21 -1.18
C ALA B 170 3.65 8.69 -1.29
N GLY B 171 4.30 8.02 -2.25
CA GLY B 171 4.27 6.56 -2.34
C GLY B 171 5.59 5.93 -1.89
N LYS B 172 6.48 6.77 -1.36
CA LYS B 172 7.77 6.30 -0.84
C LYS B 172 7.95 6.77 0.61
N ILE B 173 7.19 7.81 0.93
CA ILE B 173 7.30 8.60 2.15
C ILE B 173 5.88 9.07 2.49
N THR B 174 5.59 9.42 3.75
CA THR B 174 4.25 9.89 4.09
C THR B 174 4.23 11.39 4.32
N TYR B 175 3.07 12.00 4.07
CA TYR B 175 2.85 13.43 4.21
C TYR B 175 1.55 13.60 4.95
N PRO B 176 1.50 14.47 5.96
CA PRO B 176 0.21 14.87 6.54
C PRO B 176 -0.78 15.33 5.47
N LEU B 177 -2.08 15.19 5.78
CA LEU B 177 -3.22 15.38 4.83
C LEU B 177 -3.04 14.22 3.82
N ILE B 178 -3.90 13.96 2.89
CA ILE B 178 -3.55 12.75 2.03
C ILE B 178 -3.19 11.32 2.55
N ALA B 179 -3.63 10.86 3.72
CA ALA B 179 -3.44 9.40 4.05
C ALA B 179 -4.11 8.37 3.07
N PRO B 180 -5.37 8.63 2.65
CA PRO B 180 -6.03 7.75 1.67
C PRO B 180 -5.20 7.59 0.39
N TYR B 181 -4.79 8.71 -0.18
CA TYR B 181 -3.92 8.72 -1.35
C TYR B 181 -2.59 8.04 -1.14
N SER B 182 -1.95 8.32 -0.02
CA SER B 182 -0.65 7.69 0.22
C SER B 182 -0.76 6.18 0.45
N ALA B 183 -1.86 5.70 1.04
CA ALA B 183 -2.11 4.26 1.15
C ALA B 183 -2.13 3.58 -0.24
N SER B 184 -2.85 4.18 -1.19
CA SER B 184 -3.02 3.62 -2.53
C SER B 184 -1.71 3.59 -3.33
N LYS B 185 -0.91 4.67 -3.20
CA LYS B 185 0.39 4.77 -3.87
C LYS B 185 1.42 3.80 -3.30
N PHE B 186 1.50 3.71 -1.97
CA PHE B 186 2.33 2.71 -1.29
C PHE B 186 1.96 1.30 -1.77
N ALA B 187 0.66 1.02 -1.85
CA ALA B 187 0.16 -0.25 -2.38
C ALA B 187 0.72 -0.56 -3.78
N LEU B 188 0.78 0.45 -4.65
CA LEU B 188 1.37 0.30 -5.98
C LEU B 188 2.81 -0.21 -5.94
N ASP B 189 3.59 0.29 -4.98
CA ASP B 189 4.99 -0.09 -4.88
C ASP B 189 5.10 -1.54 -4.43
N GLY B 190 4.43 -1.89 -3.33
CA GLY B 190 4.34 -3.28 -2.90
C GLY B 190 3.88 -4.26 -3.97
N PHE B 191 2.83 -3.93 -4.70
CA PHE B 191 2.40 -4.83 -5.77
C PHE B 191 3.37 -4.88 -7.00
N PHE B 192 3.60 -3.76 -7.67
CA PHE B 192 4.36 -3.80 -8.91
C PHE B 192 5.85 -4.14 -8.76
N SER B 193 6.48 -3.71 -7.66
CA SER B 193 7.85 -4.11 -7.38
C SER B 193 7.98 -5.61 -7.22
N THR B 194 7.02 -6.24 -6.53
CA THR B 194 7.03 -7.69 -6.36
C THR B 194 6.86 -8.38 -7.72
N LEU B 195 5.91 -7.86 -8.50
CA LEU B 195 5.68 -8.35 -9.86
C LEU B 195 6.96 -8.26 -10.71
N ARG B 196 7.63 -7.12 -10.70
CA ARG B 196 8.87 -6.99 -11.49
C ARG B 196 9.87 -8.07 -11.04
N SER B 197 10.06 -8.17 -9.73
CA SER B 197 10.91 -9.18 -9.11
C SER B 197 10.62 -10.60 -9.59
N GLU B 198 9.33 -10.92 -9.79
CA GLU B 198 8.91 -12.24 -10.26
C GLU B 198 9.21 -12.39 -11.75
N PHE B 199 8.84 -11.34 -12.50
CA PHE B 199 9.11 -11.28 -13.94
C PHE B 199 10.58 -11.48 -14.28
N LEU B 200 11.46 -10.96 -13.41
CA LEU B 200 12.89 -11.06 -13.55
C LEU B 200 13.37 -12.50 -13.42
N VAL B 201 12.85 -13.22 -12.43
CA VAL B 201 13.26 -14.62 -12.24
C VAL B 201 12.65 -15.58 -13.32
N ASN B 202 11.75 -15.05 -14.17
CA ASN B 202 10.78 -15.91 -14.86
C ASN B 202 10.67 -16.20 -16.38
N LYS B 203 11.42 -15.61 -17.30
CA LYS B 203 12.06 -14.31 -17.26
C LYS B 203 11.15 -13.60 -18.26
N VAL B 204 10.22 -12.79 -17.76
CA VAL B 204 9.08 -12.39 -18.58
C VAL B 204 9.32 -11.34 -19.68
N ASN B 205 10.24 -10.40 -19.45
CA ASN B 205 10.62 -9.43 -20.49
C ASN B 205 9.51 -8.43 -20.74
N VAL B 206 8.72 -8.17 -19.70
CA VAL B 206 7.84 -7.02 -19.61
C VAL B 206 8.43 -6.16 -18.51
N SER B 207 8.80 -4.93 -18.83
CA SER B 207 9.43 -4.04 -17.88
C SER B 207 8.36 -3.22 -17.18
N ILE B 208 8.65 -2.88 -15.92
CA ILE B 208 7.74 -2.10 -15.07
C ILE B 208 8.53 -0.96 -14.43
N THR B 209 8.16 0.27 -14.80
CA THR B 209 8.82 1.49 -14.30
C THR B 209 7.90 2.17 -13.30
N LEU B 210 8.40 2.36 -12.07
CA LEU B 210 7.66 3.07 -11.02
C LEU B 210 8.13 4.51 -11.05
N CYS B 211 7.20 5.43 -11.27
CA CYS B 211 7.57 6.82 -11.45
C CYS B 211 7.29 7.55 -10.16
N ILE B 212 8.35 8.08 -9.58
CA ILE B 212 8.24 8.80 -8.31
C ILE B 212 8.32 10.30 -8.56
N LEU B 213 7.18 10.95 -8.51
CA LEU B 213 7.07 12.34 -8.87
C LEU B 213 6.93 13.20 -7.63
N GLY B 214 7.68 14.31 -7.57
CA GLY B 214 7.47 15.32 -6.55
C GLY B 214 6.34 16.23 -6.98
N LEU B 215 6.26 17.44 -6.40
CA LEU B 215 5.16 18.32 -6.71
C LEU B 215 5.22 18.76 -8.20
N ILE B 216 4.09 18.66 -8.92
CA ILE B 216 4.05 19.01 -10.33
C ILE B 216 3.02 20.11 -10.58
N ASP B 217 3.36 21.08 -11.45
CA ASP B 217 2.51 22.26 -11.68
C ASP B 217 1.25 22.03 -12.53
N THR B 218 0.60 20.91 -12.25
CA THR B 218 -0.74 20.56 -12.74
C THR B 218 -1.81 21.49 -12.13
N GLU B 219 -2.89 21.78 -12.85
CA GLU B 219 -3.91 22.72 -12.33
C GLU B 219 -4.62 22.22 -11.08
N THR B 220 -4.94 20.94 -11.05
CA THR B 220 -5.53 20.36 -9.85
C THR B 220 -4.56 20.42 -8.66
N ALA B 221 -3.30 20.06 -8.88
CA ALA B 221 -2.28 20.13 -7.84
C ALA B 221 -2.05 21.57 -7.33
N ILE B 222 -2.02 22.54 -8.23
CA ILE B 222 -1.78 23.93 -7.84
C ILE B 222 -2.95 24.47 -7.02
N LYS B 223 -4.17 24.18 -7.46
CA LYS B 223 -5.36 24.53 -6.71
C LYS B 223 -5.35 23.82 -5.36
N ALA B 224 -5.07 22.51 -5.38
CA ALA B 224 -5.09 21.67 -4.18
C ALA B 224 -4.19 22.21 -3.07
N THR B 225 -2.96 22.54 -3.45
CA THR B 225 -1.90 22.83 -2.49
C THR B 225 -1.84 24.30 -2.10
N SER B 226 -2.67 25.10 -2.77
CA SER B 226 -2.53 26.55 -2.80
C SER B 226 -2.22 27.25 -1.47
N GLY B 227 -3.05 27.09 -0.46
CA GLY B 227 -2.75 27.81 0.80
C GLY B 227 -2.01 26.93 1.81
N ILE B 228 -1.55 25.77 1.34
CA ILE B 228 -1.30 24.63 2.21
C ILE B 228 0.14 24.12 2.17
N TYR B 229 0.59 23.74 0.98
CA TYR B 229 1.92 23.22 0.83
C TYR B 229 2.71 24.11 -0.13
N LEU B 230 3.88 24.57 0.31
CA LEU B 230 4.53 25.72 -0.32
C LEU B 230 5.84 25.42 -1.03
N GLY B 231 6.24 24.15 -1.05
CA GLY B 231 7.44 23.75 -1.80
C GLY B 231 7.28 23.99 -3.29
N PRO B 232 8.40 24.03 -4.04
CA PRO B 232 8.28 24.39 -5.45
C PRO B 232 7.68 23.27 -6.30
N ALA B 233 7.03 23.61 -7.39
CA ALA B 233 6.48 22.63 -8.33
C ALA B 233 7.29 22.51 -9.61
N SER B 234 7.50 21.29 -10.06
CA SER B 234 8.21 21.02 -11.31
C SER B 234 7.26 21.03 -12.51
N PRO B 235 7.75 21.37 -13.72
CA PRO B 235 6.83 21.51 -14.85
C PRO B 235 6.29 20.19 -15.36
N LYS B 236 5.00 20.17 -15.71
CA LYS B 236 4.32 18.99 -16.22
C LYS B 236 4.82 18.49 -17.58
N GLU B 237 5.15 19.42 -18.49
CA GLU B 237 5.62 19.05 -19.82
C GLU B 237 6.88 18.18 -19.72
N GLU B 238 7.87 18.65 -18.96
CA GLU B 238 9.08 17.87 -18.76
C GLU B 238 8.80 16.58 -17.99
N CYS B 239 7.96 16.67 -16.95
CA CYS B 239 7.56 15.50 -16.19
C CYS B 239 7.09 14.38 -17.11
N ALA B 240 6.14 14.72 -17.98
CA ALA B 240 5.58 13.79 -18.93
C ALA B 240 6.69 13.16 -19.79
N LEU B 241 7.66 13.98 -20.22
CA LEU B 241 8.78 13.50 -21.03
C LEU B 241 9.61 12.47 -20.24
N GLU B 242 9.95 12.81 -19.00
CA GLU B 242 10.78 11.93 -18.17
C GLU B 242 10.13 10.58 -17.89
N ILE B 243 8.80 10.59 -17.67
CA ILE B 243 8.03 9.34 -17.56
C ILE B 243 8.24 8.46 -18.79
N ILE B 244 8.04 9.00 -20.00
CA ILE B 244 8.26 8.20 -21.19
C ILE B 244 9.71 7.79 -21.41
N LYS B 245 10.65 8.67 -21.05
CA LYS B 245 12.06 8.32 -21.18
C LYS B 245 12.35 7.06 -20.36
N GLY B 246 12.08 7.15 -19.07
CA GLY B 246 12.38 6.06 -18.15
C GLY B 246 11.66 4.77 -18.49
N THR B 247 10.42 4.87 -18.97
CA THR B 247 9.65 3.66 -19.32
C THR B 247 10.23 3.02 -20.55
N ALA B 248 10.64 3.85 -21.52
CA ALA B 248 11.19 3.36 -22.77
C ALA B 248 12.55 2.73 -22.53
N LEU B 249 13.38 3.40 -21.72
CA LEU B 249 14.67 2.88 -21.29
C LEU B 249 14.56 1.70 -20.31
N ARG B 250 13.32 1.32 -19.97
CA ARG B 250 13.04 0.11 -19.20
C ARG B 250 13.67 0.09 -17.78
N GLN B 251 13.60 1.22 -17.09
CA GLN B 251 14.16 1.33 -15.74
C GLN B 251 13.17 0.84 -14.67
N ASP B 252 13.70 0.34 -13.55
CA ASP B 252 12.87 -0.05 -12.41
C ASP B 252 12.11 1.18 -11.90
N GLU B 253 12.86 2.28 -11.75
CA GLU B 253 12.32 3.48 -11.20
C GLU B 253 12.74 4.70 -11.99
N MET B 254 11.90 5.72 -11.99
CA MET B 254 12.25 7.02 -12.57
C MET B 254 11.83 8.08 -11.56
N TYR B 255 12.77 8.93 -11.17
CA TYR B 255 12.50 9.97 -10.18
C TYR B 255 12.42 11.33 -10.82
N TYR B 256 11.31 12.04 -10.62
CA TYR B 256 11.20 13.42 -11.10
C TYR B 256 10.64 14.31 -9.99
N VAL B 257 11.54 14.84 -9.19
CA VAL B 257 11.22 15.30 -7.87
C VAL B 257 11.71 16.72 -7.52
N GLY B 258 12.24 17.43 -8.51
CA GLY B 258 12.64 18.83 -8.34
C GLY B 258 14.00 19.10 -7.68
N SER B 259 14.81 18.06 -7.57
CA SER B 259 16.16 18.14 -7.00
C SER B 259 16.94 16.88 -7.31
N ARG B 260 18.25 16.97 -7.38
CA ARG B 260 19.09 15.81 -7.67
C ARG B 260 19.47 14.99 -6.43
N TRP B 261 19.42 15.62 -5.26
CA TRP B 261 19.79 14.93 -4.03
C TRP B 261 18.61 14.17 -3.35
N VAL B 262 17.40 14.67 -3.53
CA VAL B 262 16.21 14.03 -2.96
C VAL B 262 16.07 12.54 -3.32
N PRO B 263 16.24 12.16 -4.61
CA PRO B 263 16.06 10.75 -4.95
C PRO B 263 16.98 9.77 -4.19
N TYR B 264 18.17 10.23 -3.79
CA TYR B 264 19.02 9.38 -2.98
C TYR B 264 18.38 9.03 -1.64
N LEU B 265 17.64 9.99 -1.08
CA LEU B 265 16.90 9.76 0.18
C LEU B 265 15.56 9.02 0.05
N LEU B 266 15.13 8.76 -1.19
CA LEU B 266 13.83 8.07 -1.41
C LEU B 266 13.96 6.62 -1.87
N GLY B 267 15.17 6.18 -2.22
CA GLY B 267 15.34 4.89 -2.87
C GLY B 267 15.93 3.85 -1.96
N ASN B 268 15.64 3.95 -0.66
CA ASN B 268 16.41 3.29 0.38
C ASN B 268 17.20 2.03 0.03
N PRO B 269 18.53 2.21 -0.01
CA PRO B 269 19.52 1.18 -0.32
C PRO B 269 19.38 0.01 0.65
N GLY B 270 18.91 0.28 1.86
CA GLY B 270 18.62 -0.76 2.84
C GLY B 270 17.67 -1.82 2.30
N ARG B 271 16.56 -1.37 1.72
CA ARG B 271 15.60 -2.28 1.08
C ARG B 271 16.23 -3.08 -0.06
N LYS B 272 16.98 -2.38 -0.92
CA LYS B 272 17.77 -2.98 -2.00
C LYS B 272 18.65 -4.15 -1.52
N ILE B 273 19.44 -3.89 -0.48
CA ILE B 273 20.31 -4.89 0.15
C ILE B 273 19.49 -6.05 0.74
N MET B 274 18.42 -5.73 1.45
CA MET B 274 17.58 -6.76 2.09
C MET B 274 16.88 -7.65 1.07
N GLU B 275 16.38 -7.05 0.00
CA GLU B 275 15.78 -7.79 -1.11
C GLU B 275 16.80 -8.71 -1.79
N PHE B 276 18.02 -8.19 -1.93
CA PHE B 276 19.15 -8.96 -2.48
C PHE B 276 19.50 -10.15 -1.59
N LEU B 277 19.62 -9.89 -0.30
CA LEU B 277 19.98 -10.91 0.66
C LEU B 277 18.92 -11.99 0.80
N SER B 278 17.66 -11.57 0.72
CA SER B 278 16.51 -12.43 0.99
C SER B 278 16.31 -13.47 -0.10
N ALA B 279 16.69 -13.14 -1.33
CA ALA B 279 16.55 -14.04 -2.47
C ALA B 279 17.30 -15.36 -2.30
N ALA B 280 18.42 -15.31 -1.59
CA ALA B 280 19.26 -16.50 -1.37
C ALA B 280 18.64 -17.42 -0.34
N GLU B 281 17.47 -17.02 0.15
CA GLU B 281 16.76 -17.75 1.18
C GLU B 281 15.64 -18.66 0.64
N TYR B 282 15.27 -18.45 -0.62
CA TYR B 282 14.33 -19.33 -1.27
C TYR B 282 15.04 -20.60 -1.73
N ASN B 283 14.27 -21.67 -1.91
CA ASN B 283 14.70 -22.84 -2.66
C ASN B 283 14.13 -22.72 -4.07
N TRP B 284 15.01 -22.32 -4.99
CA TRP B 284 14.62 -21.96 -6.35
C TRP B 284 14.25 -23.16 -7.20
N ASP B 285 14.92 -24.27 -6.91
CA ASP B 285 14.60 -25.56 -7.51
C ASP B 285 13.12 -25.93 -7.38
N ASN B 286 12.57 -25.84 -6.15
CA ASN B 286 11.17 -26.11 -5.92
C ASN B 286 10.29 -25.04 -6.53
N VAL B 287 10.62 -23.78 -6.24
CA VAL B 287 9.82 -22.64 -6.70
C VAL B 287 9.61 -22.71 -8.22
N LEU B 288 10.72 -22.83 -8.93
CA LEU B 288 10.69 -22.89 -10.40
C LEU B 288 9.99 -24.14 -11.01
N SER B 289 10.07 -25.29 -10.33
CA SER B 289 9.38 -26.52 -10.77
C SER B 289 7.89 -26.65 -10.35
N ASN B 290 7.49 -25.99 -9.26
CA ASN B 290 6.07 -25.85 -8.93
C ASN B 290 5.34 -24.93 -9.92
N GLU B 291 6.03 -23.85 -10.32
CA GLU B 291 5.57 -22.96 -11.39
C GLU B 291 5.38 -23.69 -12.74
N LYS B 292 6.29 -24.60 -13.07
CA LYS B 292 6.17 -25.35 -14.34
C LYS B 292 5.12 -26.50 -14.28
N LEU B 293 4.87 -27.01 -13.08
CA LEU B 293 3.79 -27.98 -12.79
C LEU B 293 2.41 -27.35 -13.04
N TYR B 294 2.11 -26.25 -12.35
CA TYR B 294 0.92 -25.44 -12.67
C TYR B 294 0.89 -23.95 -12.31
N GLY B 295 -0.27 -23.48 -11.84
CA GLY B 295 -0.51 -22.04 -11.61
C GLY B 295 -0.35 -21.20 -12.88
#